data_1IXU
# 
_entry.id   1IXU 
# 
_audit_conform.dict_name       mmcif_pdbx.dic 
_audit_conform.dict_version    5.397 
_audit_conform.dict_location   http://mmcif.pdb.org/dictionaries/ascii/mmcif_pdbx.dic 
# 
loop_
_database_2.database_id 
_database_2.database_code 
_database_2.pdbx_database_accession 
_database_2.pdbx_DOI 
PDB   1IXU         pdb_00001ixu 10.2210/pdb1ixu/pdb 
RCSB  RCSB005385   ?            ?                   
WWPDB D_1000005385 ?            ?                   
# 
loop_
_pdbx_audit_revision_history.ordinal 
_pdbx_audit_revision_history.data_content_type 
_pdbx_audit_revision_history.major_revision 
_pdbx_audit_revision_history.minor_revision 
_pdbx_audit_revision_history.revision_date 
1 'Structure model' 1 0 2004-02-17 
2 'Structure model' 1 1 2008-04-27 
3 'Structure model' 1 2 2011-07-13 
4 'Structure model' 1 3 2023-12-27 
5 'Structure model' 1 4 2024-10-09 
# 
_pdbx_audit_revision_details.ordinal             1 
_pdbx_audit_revision_details.revision_ordinal    1 
_pdbx_audit_revision_details.data_content_type   'Structure model' 
_pdbx_audit_revision_details.provider            repository 
_pdbx_audit_revision_details.type                'Initial release' 
_pdbx_audit_revision_details.description         ? 
_pdbx_audit_revision_details.details             ? 
# 
loop_
_pdbx_audit_revision_group.ordinal 
_pdbx_audit_revision_group.revision_ordinal 
_pdbx_audit_revision_group.data_content_type 
_pdbx_audit_revision_group.group 
1 2 'Structure model' 'Version format compliance' 
2 3 'Structure model' 'Source and taxonomy'       
3 3 'Structure model' 'Version format compliance' 
4 4 'Structure model' 'Data collection'           
5 4 'Structure model' 'Database references'       
6 4 'Structure model' 'Derived calculations'      
7 5 'Structure model' 'Structure summary'         
# 
loop_
_pdbx_audit_revision_category.ordinal 
_pdbx_audit_revision_category.revision_ordinal 
_pdbx_audit_revision_category.data_content_type 
_pdbx_audit_revision_category.category 
1 4 'Structure model' chem_comp_atom            
2 4 'Structure model' chem_comp_bond            
3 4 'Structure model' database_2                
4 4 'Structure model' pdbx_nmr_software         
5 4 'Structure model' struct_conn               
6 5 'Structure model' pdbx_entry_details        
7 5 'Structure model' pdbx_modification_feature 
# 
loop_
_pdbx_audit_revision_item.ordinal 
_pdbx_audit_revision_item.revision_ordinal 
_pdbx_audit_revision_item.data_content_type 
_pdbx_audit_revision_item.item 
1 4 'Structure model' '_database_2.pdbx_DOI'                
2 4 'Structure model' '_database_2.pdbx_database_accession' 
3 4 'Structure model' '_pdbx_nmr_software.name'             
4 4 'Structure model' '_struct_conn.pdbx_leaving_atom_flag' 
# 
_pdbx_database_status.status_code                     REL 
_pdbx_database_status.entry_id                        1IXU 
_pdbx_database_status.recvd_initial_deposition_date   2002-07-04 
_pdbx_database_status.deposit_site                    PDBJ 
_pdbx_database_status.process_site                    PDBJ 
_pdbx_database_status.status_code_sf                  ? 
_pdbx_database_status.status_code_mr                  ? 
_pdbx_database_status.SG_entry                        ? 
_pdbx_database_status.pdb_format_compatible           Y 
_pdbx_database_status.status_code_cs                  ? 
_pdbx_database_status.status_code_nmr_data            ? 
_pdbx_database_status.methods_development_category    ? 
# 
loop_
_audit_author.name 
_audit_author.pdbx_ordinal 
'Kanaori, K.' 1 
'Kamei, K.'   2 
'Koyama, T.'  3 
'Yasui, T.'   4 
'Takano, R.'  5 
'Imada, C.'   6 
'Tajima, K.'  7 
'Hara, S.'    8 
# 
_citation.id                        primary 
_citation.title                     'Solution structure of marinostatin, a natural ester-linked protein protease inhibitor' 
_citation.journal_abbrev            Biochemistry 
_citation.journal_volume            44 
_citation.page_first                2462 
_citation.page_last                 2468 
_citation.year                      2005 
_citation.journal_id_ASTM           BICHAW 
_citation.country                   US 
_citation.journal_id_ISSN           0006-2960 
_citation.journal_id_CSD            0033 
_citation.book_publisher            ? 
_citation.pdbx_database_id_PubMed   15709758 
_citation.pdbx_database_id_DOI      10.1021/bi048034x 
# 
loop_
_citation_author.citation_id 
_citation_author.name 
_citation_author.ordinal 
_citation_author.identifier_ORCID 
primary 'Kanaori, K.'   1 ? 
primary 'Kamei, K.'     2 ? 
primary 'Taniguchi, M.' 3 ? 
primary 'Koyama, T.'    4 ? 
primary 'Yasui, T.'     5 ? 
primary 'Takano, R.'    6 ? 
primary 'Imada, C.'     7 ? 
primary 'Tajima, K.'    8 ? 
primary 'Hara, S.'      9 ? 
# 
_entity.id                         1 
_entity.type                       polymer 
_entity.src_method                 nat 
_entity.pdbx_description           marinostatin 
_entity.formula_weight             1419.494 
_entity.pdbx_number_of_molecules   1 
_entity.pdbx_ec                    ? 
_entity.pdbx_mutation              ? 
_entity.pdbx_fragment              'marinostatin active fragment' 
_entity.details                    ? 
# 
_entity_name_com.entity_id   1 
_entity_name_com.name        MstI 
# 
_entity_poly.entity_id                      1 
_entity_poly.type                           'polypeptide(L)' 
_entity_poly.nstd_linkage                   no 
_entity_poly.nstd_monomer                   no 
_entity_poly.pdbx_seq_one_letter_code       FATMRYPSDSDE 
_entity_poly.pdbx_seq_one_letter_code_can   FATMRYPSDSDE 
_entity_poly.pdbx_strand_id                 A 
_entity_poly.pdbx_target_identifier         ? 
# 
loop_
_entity_poly_seq.entity_id 
_entity_poly_seq.num 
_entity_poly_seq.mon_id 
_entity_poly_seq.hetero 
1 1  PHE n 
1 2  ALA n 
1 3  THR n 
1 4  MET n 
1 5  ARG n 
1 6  TYR n 
1 7  PRO n 
1 8  SER n 
1 9  ASP n 
1 10 SER n 
1 11 ASP n 
1 12 GLU n 
# 
_entity_src_nat.entity_id                  1 
_entity_src_nat.pdbx_src_id                1 
_entity_src_nat.pdbx_alt_source_flag       sample 
_entity_src_nat.pdbx_beg_seq_num           ? 
_entity_src_nat.pdbx_end_seq_num           ? 
_entity_src_nat.common_name                ? 
_entity_src_nat.pdbx_organism_scientific   'Alteromonas sp.' 
_entity_src_nat.pdbx_ncbi_taxonomy_id      29456 
_entity_src_nat.genus                      Alteromonas 
_entity_src_nat.species                    ? 
_entity_src_nat.strain                     B-10-31 
_entity_src_nat.tissue                     ? 
_entity_src_nat.tissue_fraction            ? 
_entity_src_nat.pdbx_secretion             ? 
_entity_src_nat.pdbx_fragment              ? 
_entity_src_nat.pdbx_variant               ? 
_entity_src_nat.pdbx_cell_line             ? 
_entity_src_nat.pdbx_atcc                  ? 
_entity_src_nat.pdbx_cellular_location     ? 
_entity_src_nat.pdbx_organ                 ? 
_entity_src_nat.pdbx_organelle             ? 
_entity_src_nat.pdbx_cell                  ? 
_entity_src_nat.pdbx_plasmid_name          ? 
_entity_src_nat.pdbx_plasmid_details       ? 
_entity_src_nat.details                    'marine microorganism' 
# 
loop_
_chem_comp.id 
_chem_comp.type 
_chem_comp.mon_nstd_flag 
_chem_comp.name 
_chem_comp.pdbx_synonyms 
_chem_comp.formula 
_chem_comp.formula_weight 
ALA 'L-peptide linking' y ALANINE         ? 'C3 H7 N O2'     89.093  
ARG 'L-peptide linking' y ARGININE        ? 'C6 H15 N4 O2 1' 175.209 
ASP 'L-peptide linking' y 'ASPARTIC ACID' ? 'C4 H7 N O4'     133.103 
GLU 'L-peptide linking' y 'GLUTAMIC ACID' ? 'C5 H9 N O4'     147.129 
MET 'L-peptide linking' y METHIONINE      ? 'C5 H11 N O2 S'  149.211 
PHE 'L-peptide linking' y PHENYLALANINE   ? 'C9 H11 N O2'    165.189 
PRO 'L-peptide linking' y PROLINE         ? 'C5 H9 N O2'     115.130 
SER 'L-peptide linking' y SERINE          ? 'C3 H7 N O3'     105.093 
THR 'L-peptide linking' y THREONINE       ? 'C4 H9 N O3'     119.119 
TYR 'L-peptide linking' y TYROSINE        ? 'C9 H11 N O3'    181.189 
# 
loop_
_pdbx_poly_seq_scheme.asym_id 
_pdbx_poly_seq_scheme.entity_id 
_pdbx_poly_seq_scheme.seq_id 
_pdbx_poly_seq_scheme.mon_id 
_pdbx_poly_seq_scheme.ndb_seq_num 
_pdbx_poly_seq_scheme.pdb_seq_num 
_pdbx_poly_seq_scheme.auth_seq_num 
_pdbx_poly_seq_scheme.pdb_mon_id 
_pdbx_poly_seq_scheme.auth_mon_id 
_pdbx_poly_seq_scheme.pdb_strand_id 
_pdbx_poly_seq_scheme.pdb_ins_code 
_pdbx_poly_seq_scheme.hetero 
A 1 1  PHE 1  1  1  PHE PHE A . n 
A 1 2  ALA 2  2  2  ALA ALA A . n 
A 1 3  THR 3  3  3  THR THR A . n 
A 1 4  MET 4  4  4  MET MET A . n 
A 1 5  ARG 5  5  5  ARG ARG A . n 
A 1 6  TYR 6  6  6  TYR TYR A . n 
A 1 7  PRO 7  7  7  PRO PRO A . n 
A 1 8  SER 8  8  8  SER SER A . n 
A 1 9  ASP 9  9  9  ASP ASP A . n 
A 1 10 SER 10 10 10 SER SER A . n 
A 1 11 ASP 11 11 11 ASP ASP A . n 
A 1 12 GLU 12 12 12 GLU GLU A . n 
# 
_exptl.entry_id          1IXU 
_exptl.method            'SOLUTION NMR' 
_exptl.crystals_number   ? 
# 
_exptl_crystal.id                    1 
_exptl_crystal.density_meas          ? 
_exptl_crystal.density_Matthews      ? 
_exptl_crystal.density_percent_sol   ? 
_exptl_crystal.description           ? 
# 
_diffrn.id                     1 
_diffrn.crystal_id             1 
_diffrn.ambient_temp           ? 
_diffrn.ambient_temp_details   ? 
# 
_diffrn_radiation.diffrn_id                        1 
_diffrn_radiation.wavelength_id                    1 
_diffrn_radiation.pdbx_monochromatic_or_laue_m_l   M 
_diffrn_radiation.monochromator                    ? 
_diffrn_radiation.pdbx_diffrn_protocol             'SINGLE WAVELENGTH' 
_diffrn_radiation.pdbx_scattering_type             x-ray 
# 
_diffrn_radiation_wavelength.id           1 
_diffrn_radiation_wavelength.wavelength   . 
_diffrn_radiation_wavelength.wt           1.0 
# 
_struct.entry_id                  1IXU 
_struct.title                     'Solution structure of marinostatin, a protease inhibitor, containing two ester linkages' 
_struct.pdbx_model_details        ? 
_struct.pdbx_CASP_flag            ? 
_struct.pdbx_model_type_details   ? 
# 
_struct_keywords.entry_id        1IXU 
_struct_keywords.pdbx_keywords   'PROTEIN BINDING' 
_struct_keywords.text            'PROTEASE INHIBITOR, ESTER LINKAGE, Protein Binding' 
# 
_struct_asym.id                            A 
_struct_asym.pdbx_blank_PDB_chainid_flag   N 
_struct_asym.pdbx_modified                 N 
_struct_asym.entity_id                     1 
_struct_asym.details                       ? 
# 
_struct_ref.id                         1 
_struct_ref.db_name                    UNP 
_struct_ref.db_code                    MARI_ALTSP 
_struct_ref.entity_id                  1 
_struct_ref.pdbx_seq_one_letter_code   FATMRYPSDSDE 
_struct_ref.pdbx_align_begin           45 
_struct_ref.pdbx_db_accession          P29399 
_struct_ref.pdbx_db_isoform            ? 
# 
_struct_ref_seq.align_id                      1 
_struct_ref_seq.ref_id                        1 
_struct_ref_seq.pdbx_PDB_id_code              1IXU 
_struct_ref_seq.pdbx_strand_id                A 
_struct_ref_seq.seq_align_beg                 1 
_struct_ref_seq.pdbx_seq_align_beg_ins_code   ? 
_struct_ref_seq.seq_align_end                 12 
_struct_ref_seq.pdbx_seq_align_end_ins_code   ? 
_struct_ref_seq.pdbx_db_accession             P29399 
_struct_ref_seq.db_align_beg                  45 
_struct_ref_seq.pdbx_db_align_beg_ins_code    ? 
_struct_ref_seq.db_align_end                  56 
_struct_ref_seq.pdbx_db_align_end_ins_code    ? 
_struct_ref_seq.pdbx_auth_seq_align_beg       1 
_struct_ref_seq.pdbx_auth_seq_align_end       12 
# 
_pdbx_struct_assembly.id                   1 
_pdbx_struct_assembly.details              author_defined_assembly 
_pdbx_struct_assembly.method_details       ? 
_pdbx_struct_assembly.oligomeric_details   monomeric 
_pdbx_struct_assembly.oligomeric_count     1 
# 
_pdbx_struct_assembly_gen.assembly_id       1 
_pdbx_struct_assembly_gen.oper_expression   1 
_pdbx_struct_assembly_gen.asym_id_list      A 
# 
_pdbx_struct_oper_list.id                   1 
_pdbx_struct_oper_list.type                 'identity operation' 
_pdbx_struct_oper_list.name                 1_555 
_pdbx_struct_oper_list.symmetry_operation   x,y,z 
_pdbx_struct_oper_list.matrix[1][1]         1.0000000000 
_pdbx_struct_oper_list.matrix[1][2]         0.0000000000 
_pdbx_struct_oper_list.matrix[1][3]         0.0000000000 
_pdbx_struct_oper_list.vector[1]            0.0000000000 
_pdbx_struct_oper_list.matrix[2][1]         0.0000000000 
_pdbx_struct_oper_list.matrix[2][2]         1.0000000000 
_pdbx_struct_oper_list.matrix[2][3]         0.0000000000 
_pdbx_struct_oper_list.vector[2]            0.0000000000 
_pdbx_struct_oper_list.matrix[3][1]         0.0000000000 
_pdbx_struct_oper_list.matrix[3][2]         0.0000000000 
_pdbx_struct_oper_list.matrix[3][3]         1.0000000000 
_pdbx_struct_oper_list.vector[3]            0.0000000000 
# 
_struct_biol.id   1 
# 
loop_
_struct_conn.id 
_struct_conn.conn_type_id 
_struct_conn.pdbx_leaving_atom_flag 
_struct_conn.pdbx_PDB_id 
_struct_conn.ptnr1_label_asym_id 
_struct_conn.ptnr1_label_comp_id 
_struct_conn.ptnr1_label_seq_id 
_struct_conn.ptnr1_label_atom_id 
_struct_conn.pdbx_ptnr1_label_alt_id 
_struct_conn.pdbx_ptnr1_PDB_ins_code 
_struct_conn.pdbx_ptnr1_standard_comp_id 
_struct_conn.ptnr1_symmetry 
_struct_conn.ptnr2_label_asym_id 
_struct_conn.ptnr2_label_comp_id 
_struct_conn.ptnr2_label_seq_id 
_struct_conn.ptnr2_label_atom_id 
_struct_conn.pdbx_ptnr2_label_alt_id 
_struct_conn.pdbx_ptnr2_PDB_ins_code 
_struct_conn.ptnr1_auth_asym_id 
_struct_conn.ptnr1_auth_comp_id 
_struct_conn.ptnr1_auth_seq_id 
_struct_conn.ptnr2_auth_asym_id 
_struct_conn.ptnr2_auth_comp_id 
_struct_conn.ptnr2_auth_seq_id 
_struct_conn.ptnr2_symmetry 
_struct_conn.pdbx_ptnr3_label_atom_id 
_struct_conn.pdbx_ptnr3_label_seq_id 
_struct_conn.pdbx_ptnr3_label_comp_id 
_struct_conn.pdbx_ptnr3_label_asym_id 
_struct_conn.pdbx_ptnr3_label_alt_id 
_struct_conn.pdbx_ptnr3_PDB_ins_code 
_struct_conn.details 
_struct_conn.pdbx_dist_value 
_struct_conn.pdbx_value_order 
_struct_conn.pdbx_role 
covale1 covale none ? A THR 3 OG1 ? ? ? 1_555 A ASP 9  CG ? ? A THR 3 A ASP 9  1_555 ? ? ? ? ? ? ? 1.372 ? ? 
covale2 covale none ? A SER 8 OG  ? ? ? 1_555 A ASP 11 CG ? ? A SER 8 A ASP 11 1_555 ? ? ? ? ? ? ? 1.365 ? ? 
# 
_struct_conn_type.id          covale 
_struct_conn_type.criteria    ? 
_struct_conn_type.reference   ? 
# 
loop_
_pdbx_modification_feature.ordinal 
_pdbx_modification_feature.label_comp_id 
_pdbx_modification_feature.label_asym_id 
_pdbx_modification_feature.label_seq_id 
_pdbx_modification_feature.label_alt_id 
_pdbx_modification_feature.modified_residue_label_comp_id 
_pdbx_modification_feature.modified_residue_label_asym_id 
_pdbx_modification_feature.modified_residue_label_seq_id 
_pdbx_modification_feature.modified_residue_label_alt_id 
_pdbx_modification_feature.auth_comp_id 
_pdbx_modification_feature.auth_asym_id 
_pdbx_modification_feature.auth_seq_id 
_pdbx_modification_feature.PDB_ins_code 
_pdbx_modification_feature.symmetry 
_pdbx_modification_feature.modified_residue_auth_comp_id 
_pdbx_modification_feature.modified_residue_auth_asym_id 
_pdbx_modification_feature.modified_residue_auth_seq_id 
_pdbx_modification_feature.modified_residue_PDB_ins_code 
_pdbx_modification_feature.modified_residue_symmetry 
_pdbx_modification_feature.comp_id_linking_atom 
_pdbx_modification_feature.modified_residue_id_linking_atom 
_pdbx_modification_feature.modified_residue_id 
_pdbx_modification_feature.ref_pcm_id 
_pdbx_modification_feature.ref_comp_id 
_pdbx_modification_feature.type 
_pdbx_modification_feature.category 
1 THR A 3 ? ASP A 9  ? THR A 3 ? 1_555 ASP A 9  ? 1_555 OG1 CG . . . None 'Non-standard linkage' 
2 SER A 8 ? ASP A 11 ? SER A 8 ? 1_555 ASP A 11 ? 1_555 OG  CG . . . None 'Non-standard linkage' 
# 
_struct_mon_prot_cis.pdbx_id                1 
_struct_mon_prot_cis.label_comp_id          TYR 
_struct_mon_prot_cis.label_seq_id           6 
_struct_mon_prot_cis.label_asym_id          A 
_struct_mon_prot_cis.label_alt_id           . 
_struct_mon_prot_cis.pdbx_PDB_ins_code      ? 
_struct_mon_prot_cis.auth_comp_id           TYR 
_struct_mon_prot_cis.auth_seq_id            6 
_struct_mon_prot_cis.auth_asym_id           A 
_struct_mon_prot_cis.pdbx_label_comp_id_2   PRO 
_struct_mon_prot_cis.pdbx_label_seq_id_2    7 
_struct_mon_prot_cis.pdbx_label_asym_id_2   A 
_struct_mon_prot_cis.pdbx_PDB_ins_code_2    ? 
_struct_mon_prot_cis.pdbx_auth_comp_id_2    PRO 
_struct_mon_prot_cis.pdbx_auth_seq_id_2     7 
_struct_mon_prot_cis.pdbx_auth_asym_id_2    A 
_struct_mon_prot_cis.pdbx_PDB_model_num     1 
_struct_mon_prot_cis.pdbx_omega_angle       -11.19 
# 
_pdbx_entry_details.entry_id                   1IXU 
_pdbx_entry_details.compound_details           ? 
_pdbx_entry_details.source_details             ? 
_pdbx_entry_details.nonpolymer_details         ? 
_pdbx_entry_details.sequence_details           ? 
_pdbx_entry_details.has_ligand_of_interest     ? 
_pdbx_entry_details.has_protein_modification   Y 
# 
_pdbx_validate_rmsd_bond.id                        1 
_pdbx_validate_rmsd_bond.PDB_model_num             1 
_pdbx_validate_rmsd_bond.auth_atom_id_1            CD 
_pdbx_validate_rmsd_bond.auth_asym_id_1            A 
_pdbx_validate_rmsd_bond.auth_comp_id_1            GLU 
_pdbx_validate_rmsd_bond.auth_seq_id_1             12 
_pdbx_validate_rmsd_bond.PDB_ins_code_1            ? 
_pdbx_validate_rmsd_bond.label_alt_id_1            ? 
_pdbx_validate_rmsd_bond.auth_atom_id_2            OE2 
_pdbx_validate_rmsd_bond.auth_asym_id_2            A 
_pdbx_validate_rmsd_bond.auth_comp_id_2            GLU 
_pdbx_validate_rmsd_bond.auth_seq_id_2             12 
_pdbx_validate_rmsd_bond.PDB_ins_code_2            ? 
_pdbx_validate_rmsd_bond.label_alt_id_2            ? 
_pdbx_validate_rmsd_bond.bond_value                1.365 
_pdbx_validate_rmsd_bond.bond_target_value         1.252 
_pdbx_validate_rmsd_bond.bond_deviation            0.113 
_pdbx_validate_rmsd_bond.bond_standard_deviation   0.011 
_pdbx_validate_rmsd_bond.linker_flag               N 
# 
_pdbx_validate_torsion.id              1 
_pdbx_validate_torsion.PDB_model_num   1 
_pdbx_validate_torsion.auth_comp_id    SER 
_pdbx_validate_torsion.auth_asym_id    A 
_pdbx_validate_torsion.auth_seq_id     10 
_pdbx_validate_torsion.PDB_ins_code    ? 
_pdbx_validate_torsion.label_alt_id    ? 
_pdbx_validate_torsion.phi             -148.02 
_pdbx_validate_torsion.psi             26.02 
# 
_pdbx_nmr_ensemble.entry_id                                      1IXU 
_pdbx_nmr_ensemble.conformers_calculated_total_number            50 
_pdbx_nmr_ensemble.conformers_submitted_total_number             1 
_pdbx_nmr_ensemble.conformer_selection_criteria                  'structures with the lowest violation' 
_pdbx_nmr_ensemble.average_constraints_per_residue               ? 
_pdbx_nmr_ensemble.average_constraint_violations_per_residue     ? 
_pdbx_nmr_ensemble.maximum_distance_constraint_violation         ? 
_pdbx_nmr_ensemble.average_distance_constraint_violation         ? 
_pdbx_nmr_ensemble.maximum_upper_distance_constraint_violation   ? 
_pdbx_nmr_ensemble.maximum_lower_distance_constraint_violation   ? 
_pdbx_nmr_ensemble.distance_constraint_violation_method          ? 
_pdbx_nmr_ensemble.maximum_torsion_angle_constraint_violation    ? 
_pdbx_nmr_ensemble.average_torsion_angle_constraint_violation    ? 
_pdbx_nmr_ensemble.torsion_angle_constraint_violation_method     ? 
# 
_pdbx_nmr_representative.entry_id             1IXU 
_pdbx_nmr_representative.conformer_id         1 
_pdbx_nmr_representative.selection_criteria   'fewest violations' 
# 
_pdbx_nmr_sample_details.solution_id      1 
_pdbx_nmr_sample_details.contents         '1mM Marinostatin' 
_pdbx_nmr_sample_details.solvent_system   '90% H2O/10% D2O' 
# 
_pdbx_nmr_exptl_sample_conditions.conditions_id       1 
_pdbx_nmr_exptl_sample_conditions.temperature         278 
_pdbx_nmr_exptl_sample_conditions.pressure            ambient 
_pdbx_nmr_exptl_sample_conditions.pH                  3.0 
_pdbx_nmr_exptl_sample_conditions.ionic_strength      ? 
_pdbx_nmr_exptl_sample_conditions.pressure_units      ? 
_pdbx_nmr_exptl_sample_conditions.temperature_units   K 
# 
_pdbx_nmr_exptl.experiment_id   1 
_pdbx_nmr_exptl.solution_id     1 
_pdbx_nmr_exptl.conditions_id   1 
_pdbx_nmr_exptl.type            '2D NOESY' 
# 
_pdbx_nmr_details.entry_id   1IXU 
_pdbx_nmr_details.text       'This structure was determined using standard 2D homonuclear techniques.' 
# 
_pdbx_nmr_refine.entry_id           1IXU 
_pdbx_nmr_refine.method             'simulated annealing' 
_pdbx_nmr_refine.details            
;There are two ester linkages. One is located between 
the side-chains of THR 3-ASP 9, the other between 
SER 8-ASP 11.
;
_pdbx_nmr_refine.software_ordinal   1 
# 
loop_
_pdbx_nmr_software.name 
_pdbx_nmr_software.version 
_pdbx_nmr_software.classification 
_pdbx_nmr_software.authors 
_pdbx_nmr_software.ordinal 
UXNMR      9410001.2 collection      ? 1 
Felix      2.3       'data analysis' ? 2 
NMRchitect 2.0       refinement      ? 3 
# 
loop_
_chem_comp_atom.comp_id 
_chem_comp_atom.atom_id 
_chem_comp_atom.type_symbol 
_chem_comp_atom.pdbx_aromatic_flag 
_chem_comp_atom.pdbx_stereo_config 
_chem_comp_atom.pdbx_ordinal 
ALA N    N N N 1   
ALA CA   C N S 2   
ALA C    C N N 3   
ALA O    O N N 4   
ALA CB   C N N 5   
ALA OXT  O N N 6   
ALA H    H N N 7   
ALA H2   H N N 8   
ALA HA   H N N 9   
ALA HB1  H N N 10  
ALA HB2  H N N 11  
ALA HB3  H N N 12  
ALA HXT  H N N 13  
ARG N    N N N 14  
ARG CA   C N S 15  
ARG C    C N N 16  
ARG O    O N N 17  
ARG CB   C N N 18  
ARG CG   C N N 19  
ARG CD   C N N 20  
ARG NE   N N N 21  
ARG CZ   C N N 22  
ARG NH1  N N N 23  
ARG NH2  N N N 24  
ARG OXT  O N N 25  
ARG H    H N N 26  
ARG H2   H N N 27  
ARG HA   H N N 28  
ARG HB2  H N N 29  
ARG HB3  H N N 30  
ARG HG2  H N N 31  
ARG HG3  H N N 32  
ARG HD2  H N N 33  
ARG HD3  H N N 34  
ARG HE   H N N 35  
ARG HH11 H N N 36  
ARG HH12 H N N 37  
ARG HH21 H N N 38  
ARG HH22 H N N 39  
ARG HXT  H N N 40  
ASP N    N N N 41  
ASP CA   C N S 42  
ASP C    C N N 43  
ASP O    O N N 44  
ASP CB   C N N 45  
ASP CG   C N N 46  
ASP OD1  O N N 47  
ASP OD2  O N N 48  
ASP OXT  O N N 49  
ASP H    H N N 50  
ASP H2   H N N 51  
ASP HA   H N N 52  
ASP HB2  H N N 53  
ASP HB3  H N N 54  
ASP HD2  H N N 55  
ASP HXT  H N N 56  
GLU N    N N N 57  
GLU CA   C N S 58  
GLU C    C N N 59  
GLU O    O N N 60  
GLU CB   C N N 61  
GLU CG   C N N 62  
GLU CD   C N N 63  
GLU OE1  O N N 64  
GLU OE2  O N N 65  
GLU OXT  O N N 66  
GLU H    H N N 67  
GLU H2   H N N 68  
GLU HA   H N N 69  
GLU HB2  H N N 70  
GLU HB3  H N N 71  
GLU HG2  H N N 72  
GLU HG3  H N N 73  
GLU HE2  H N N 74  
GLU HXT  H N N 75  
MET N    N N N 76  
MET CA   C N S 77  
MET C    C N N 78  
MET O    O N N 79  
MET CB   C N N 80  
MET CG   C N N 81  
MET SD   S N N 82  
MET CE   C N N 83  
MET OXT  O N N 84  
MET H    H N N 85  
MET H2   H N N 86  
MET HA   H N N 87  
MET HB2  H N N 88  
MET HB3  H N N 89  
MET HG2  H N N 90  
MET HG3  H N N 91  
MET HE1  H N N 92  
MET HE2  H N N 93  
MET HE3  H N N 94  
MET HXT  H N N 95  
PHE N    N N N 96  
PHE CA   C N S 97  
PHE C    C N N 98  
PHE O    O N N 99  
PHE CB   C N N 100 
PHE CG   C Y N 101 
PHE CD1  C Y N 102 
PHE CD2  C Y N 103 
PHE CE1  C Y N 104 
PHE CE2  C Y N 105 
PHE CZ   C Y N 106 
PHE OXT  O N N 107 
PHE H    H N N 108 
PHE H2   H N N 109 
PHE HA   H N N 110 
PHE HB2  H N N 111 
PHE HB3  H N N 112 
PHE HD1  H N N 113 
PHE HD2  H N N 114 
PHE HE1  H N N 115 
PHE HE2  H N N 116 
PHE HZ   H N N 117 
PHE HXT  H N N 118 
PRO N    N N N 119 
PRO CA   C N S 120 
PRO C    C N N 121 
PRO O    O N N 122 
PRO CB   C N N 123 
PRO CG   C N N 124 
PRO CD   C N N 125 
PRO OXT  O N N 126 
PRO H    H N N 127 
PRO HA   H N N 128 
PRO HB2  H N N 129 
PRO HB3  H N N 130 
PRO HG2  H N N 131 
PRO HG3  H N N 132 
PRO HD2  H N N 133 
PRO HD3  H N N 134 
PRO HXT  H N N 135 
SER N    N N N 136 
SER CA   C N S 137 
SER C    C N N 138 
SER O    O N N 139 
SER CB   C N N 140 
SER OG   O N N 141 
SER OXT  O N N 142 
SER H    H N N 143 
SER H2   H N N 144 
SER HA   H N N 145 
SER HB2  H N N 146 
SER HB3  H N N 147 
SER HG   H N N 148 
SER HXT  H N N 149 
THR N    N N N 150 
THR CA   C N S 151 
THR C    C N N 152 
THR O    O N N 153 
THR CB   C N R 154 
THR OG1  O N N 155 
THR CG2  C N N 156 
THR OXT  O N N 157 
THR H    H N N 158 
THR H2   H N N 159 
THR HA   H N N 160 
THR HB   H N N 161 
THR HG1  H N N 162 
THR HG21 H N N 163 
THR HG22 H N N 164 
THR HG23 H N N 165 
THR HXT  H N N 166 
TYR N    N N N 167 
TYR CA   C N S 168 
TYR C    C N N 169 
TYR O    O N N 170 
TYR CB   C N N 171 
TYR CG   C Y N 172 
TYR CD1  C Y N 173 
TYR CD2  C Y N 174 
TYR CE1  C Y N 175 
TYR CE2  C Y N 176 
TYR CZ   C Y N 177 
TYR OH   O N N 178 
TYR OXT  O N N 179 
TYR H    H N N 180 
TYR H2   H N N 181 
TYR HA   H N N 182 
TYR HB2  H N N 183 
TYR HB3  H N N 184 
TYR HD1  H N N 185 
TYR HD2  H N N 186 
TYR HE1  H N N 187 
TYR HE2  H N N 188 
TYR HH   H N N 189 
TYR HXT  H N N 190 
# 
loop_
_chem_comp_bond.comp_id 
_chem_comp_bond.atom_id_1 
_chem_comp_bond.atom_id_2 
_chem_comp_bond.value_order 
_chem_comp_bond.pdbx_aromatic_flag 
_chem_comp_bond.pdbx_stereo_config 
_chem_comp_bond.pdbx_ordinal 
ALA N   CA   sing N N 1   
ALA N   H    sing N N 2   
ALA N   H2   sing N N 3   
ALA CA  C    sing N N 4   
ALA CA  CB   sing N N 5   
ALA CA  HA   sing N N 6   
ALA C   O    doub N N 7   
ALA C   OXT  sing N N 8   
ALA CB  HB1  sing N N 9   
ALA CB  HB2  sing N N 10  
ALA CB  HB3  sing N N 11  
ALA OXT HXT  sing N N 12  
ARG N   CA   sing N N 13  
ARG N   H    sing N N 14  
ARG N   H2   sing N N 15  
ARG CA  C    sing N N 16  
ARG CA  CB   sing N N 17  
ARG CA  HA   sing N N 18  
ARG C   O    doub N N 19  
ARG C   OXT  sing N N 20  
ARG CB  CG   sing N N 21  
ARG CB  HB2  sing N N 22  
ARG CB  HB3  sing N N 23  
ARG CG  CD   sing N N 24  
ARG CG  HG2  sing N N 25  
ARG CG  HG3  sing N N 26  
ARG CD  NE   sing N N 27  
ARG CD  HD2  sing N N 28  
ARG CD  HD3  sing N N 29  
ARG NE  CZ   sing N N 30  
ARG NE  HE   sing N N 31  
ARG CZ  NH1  sing N N 32  
ARG CZ  NH2  doub N N 33  
ARG NH1 HH11 sing N N 34  
ARG NH1 HH12 sing N N 35  
ARG NH2 HH21 sing N N 36  
ARG NH2 HH22 sing N N 37  
ARG OXT HXT  sing N N 38  
ASP N   CA   sing N N 39  
ASP N   H    sing N N 40  
ASP N   H2   sing N N 41  
ASP CA  C    sing N N 42  
ASP CA  CB   sing N N 43  
ASP CA  HA   sing N N 44  
ASP C   O    doub N N 45  
ASP C   OXT  sing N N 46  
ASP CB  CG   sing N N 47  
ASP CB  HB2  sing N N 48  
ASP CB  HB3  sing N N 49  
ASP CG  OD1  doub N N 50  
ASP CG  OD2  sing N N 51  
ASP OD2 HD2  sing N N 52  
ASP OXT HXT  sing N N 53  
GLU N   CA   sing N N 54  
GLU N   H    sing N N 55  
GLU N   H2   sing N N 56  
GLU CA  C    sing N N 57  
GLU CA  CB   sing N N 58  
GLU CA  HA   sing N N 59  
GLU C   O    doub N N 60  
GLU C   OXT  sing N N 61  
GLU CB  CG   sing N N 62  
GLU CB  HB2  sing N N 63  
GLU CB  HB3  sing N N 64  
GLU CG  CD   sing N N 65  
GLU CG  HG2  sing N N 66  
GLU CG  HG3  sing N N 67  
GLU CD  OE1  doub N N 68  
GLU CD  OE2  sing N N 69  
GLU OE2 HE2  sing N N 70  
GLU OXT HXT  sing N N 71  
MET N   CA   sing N N 72  
MET N   H    sing N N 73  
MET N   H2   sing N N 74  
MET CA  C    sing N N 75  
MET CA  CB   sing N N 76  
MET CA  HA   sing N N 77  
MET C   O    doub N N 78  
MET C   OXT  sing N N 79  
MET CB  CG   sing N N 80  
MET CB  HB2  sing N N 81  
MET CB  HB3  sing N N 82  
MET CG  SD   sing N N 83  
MET CG  HG2  sing N N 84  
MET CG  HG3  sing N N 85  
MET SD  CE   sing N N 86  
MET CE  HE1  sing N N 87  
MET CE  HE2  sing N N 88  
MET CE  HE3  sing N N 89  
MET OXT HXT  sing N N 90  
PHE N   CA   sing N N 91  
PHE N   H    sing N N 92  
PHE N   H2   sing N N 93  
PHE CA  C    sing N N 94  
PHE CA  CB   sing N N 95  
PHE CA  HA   sing N N 96  
PHE C   O    doub N N 97  
PHE C   OXT  sing N N 98  
PHE CB  CG   sing N N 99  
PHE CB  HB2  sing N N 100 
PHE CB  HB3  sing N N 101 
PHE CG  CD1  doub Y N 102 
PHE CG  CD2  sing Y N 103 
PHE CD1 CE1  sing Y N 104 
PHE CD1 HD1  sing N N 105 
PHE CD2 CE2  doub Y N 106 
PHE CD2 HD2  sing N N 107 
PHE CE1 CZ   doub Y N 108 
PHE CE1 HE1  sing N N 109 
PHE CE2 CZ   sing Y N 110 
PHE CE2 HE2  sing N N 111 
PHE CZ  HZ   sing N N 112 
PHE OXT HXT  sing N N 113 
PRO N   CA   sing N N 114 
PRO N   CD   sing N N 115 
PRO N   H    sing N N 116 
PRO CA  C    sing N N 117 
PRO CA  CB   sing N N 118 
PRO CA  HA   sing N N 119 
PRO C   O    doub N N 120 
PRO C   OXT  sing N N 121 
PRO CB  CG   sing N N 122 
PRO CB  HB2  sing N N 123 
PRO CB  HB3  sing N N 124 
PRO CG  CD   sing N N 125 
PRO CG  HG2  sing N N 126 
PRO CG  HG3  sing N N 127 
PRO CD  HD2  sing N N 128 
PRO CD  HD3  sing N N 129 
PRO OXT HXT  sing N N 130 
SER N   CA   sing N N 131 
SER N   H    sing N N 132 
SER N   H2   sing N N 133 
SER CA  C    sing N N 134 
SER CA  CB   sing N N 135 
SER CA  HA   sing N N 136 
SER C   O    doub N N 137 
SER C   OXT  sing N N 138 
SER CB  OG   sing N N 139 
SER CB  HB2  sing N N 140 
SER CB  HB3  sing N N 141 
SER OG  HG   sing N N 142 
SER OXT HXT  sing N N 143 
THR N   CA   sing N N 144 
THR N   H    sing N N 145 
THR N   H2   sing N N 146 
THR CA  C    sing N N 147 
THR CA  CB   sing N N 148 
THR CA  HA   sing N N 149 
THR C   O    doub N N 150 
THR C   OXT  sing N N 151 
THR CB  OG1  sing N N 152 
THR CB  CG2  sing N N 153 
THR CB  HB   sing N N 154 
THR OG1 HG1  sing N N 155 
THR CG2 HG21 sing N N 156 
THR CG2 HG22 sing N N 157 
THR CG2 HG23 sing N N 158 
THR OXT HXT  sing N N 159 
TYR N   CA   sing N N 160 
TYR N   H    sing N N 161 
TYR N   H2   sing N N 162 
TYR CA  C    sing N N 163 
TYR CA  CB   sing N N 164 
TYR CA  HA   sing N N 165 
TYR C   O    doub N N 166 
TYR C   OXT  sing N N 167 
TYR CB  CG   sing N N 168 
TYR CB  HB2  sing N N 169 
TYR CB  HB3  sing N N 170 
TYR CG  CD1  doub Y N 171 
TYR CG  CD2  sing Y N 172 
TYR CD1 CE1  sing Y N 173 
TYR CD1 HD1  sing N N 174 
TYR CD2 CE2  doub Y N 175 
TYR CD2 HD2  sing N N 176 
TYR CE1 CZ   doub Y N 177 
TYR CE1 HE1  sing N N 178 
TYR CE2 CZ   sing Y N 179 
TYR CE2 HE2  sing N N 180 
TYR CZ  OH   sing N N 181 
TYR OH  HH   sing N N 182 
TYR OXT HXT  sing N N 183 
# 
_pdbx_nmr_spectrometer.spectrometer_id   1 
_pdbx_nmr_spectrometer.type              ? 
_pdbx_nmr_spectrometer.manufacturer      Bruker 
_pdbx_nmr_spectrometer.model             ARX 
_pdbx_nmr_spectrometer.field_strength    500 
# 
_atom_sites.entry_id                    1IXU 
_atom_sites.fract_transf_matrix[1][1]   1.000000 
_atom_sites.fract_transf_matrix[1][2]   0.000000 
_atom_sites.fract_transf_matrix[1][3]   0.000000 
_atom_sites.fract_transf_matrix[2][1]   0.000000 
_atom_sites.fract_transf_matrix[2][2]   1.000000 
_atom_sites.fract_transf_matrix[2][3]   0.000000 
_atom_sites.fract_transf_matrix[3][1]   0.000000 
_atom_sites.fract_transf_matrix[3][2]   0.000000 
_atom_sites.fract_transf_matrix[3][3]   1.000000 
_atom_sites.fract_transf_vector[1]      0.00000 
_atom_sites.fract_transf_vector[2]      0.00000 
_atom_sites.fract_transf_vector[3]      0.00000 
# 
loop_
_atom_type.symbol 
C 
H 
N 
O 
S 
# 
loop_
_atom_site.group_PDB 
_atom_site.id 
_atom_site.type_symbol 
_atom_site.label_atom_id 
_atom_site.label_alt_id 
_atom_site.label_comp_id 
_atom_site.label_asym_id 
_atom_site.label_entity_id 
_atom_site.label_seq_id 
_atom_site.pdbx_PDB_ins_code 
_atom_site.Cartn_x 
_atom_site.Cartn_y 
_atom_site.Cartn_z 
_atom_site.occupancy 
_atom_site.B_iso_or_equiv 
_atom_site.pdbx_formal_charge 
_atom_site.auth_seq_id 
_atom_site.auth_comp_id 
_atom_site.auth_asym_id 
_atom_site.auth_atom_id 
_atom_site.pdbx_PDB_model_num 
ATOM 1   N N    . PHE A 1 1  ? 4.791  10.369  -3.604 1.00 0.00 ? 1  PHE A N    1 
ATOM 2   C CA   . PHE A 1 1  ? 3.429  9.905   -3.923 1.00 0.00 ? 1  PHE A CA   1 
ATOM 3   C C    . PHE A 1 1  ? 3.104  8.619   -3.162 1.00 0.00 ? 1  PHE A C    1 
ATOM 4   O O    . PHE A 1 1  ? 3.974  7.769   -2.977 1.00 0.00 ? 1  PHE A O    1 
ATOM 5   C CB   . PHE A 1 1  ? 3.274  9.668   -5.431 1.00 0.00 ? 1  PHE A CB   1 
ATOM 6   C CG   . PHE A 1 1  ? 3.671  10.850  -6.296 1.00 0.00 ? 1  PHE A CG   1 
ATOM 7   C CD1  . PHE A 1 1  ? 2.807  11.955  -6.410 1.00 0.00 ? 1  PHE A CD1  1 
ATOM 8   C CD2  . PHE A 1 1  ? 4.913  10.861  -6.959 1.00 0.00 ? 1  PHE A CD2  1 
ATOM 9   C CE1  . PHE A 1 1  ? 3.180  13.064  -7.190 1.00 0.00 ? 1  PHE A CE1  1 
ATOM 10  C CE2  . PHE A 1 1  ? 5.285  11.970  -7.739 1.00 0.00 ? 1  PHE A CE2  1 
ATOM 11  C CZ   . PHE A 1 1  ? 4.419  13.070  -7.855 1.00 0.00 ? 1  PHE A CZ   1 
ATOM 12  H H1   . PHE A 1 1  ? 4.869  10.527  -2.610 1.00 0.00 ? 1  PHE A H1   1 
ATOM 13  H H2   . PHE A 1 1  ? 5.458  9.664   -3.884 1.00 0.00 ? 1  PHE A H2   1 
ATOM 14  H H3   . PHE A 1 1  ? 4.982  11.228  -4.098 1.00 0.00 ? 1  PHE A H3   1 
ATOM 15  H HA   . PHE A 1 1  ? 2.734  10.687  -3.613 1.00 0.00 ? 1  PHE A HA   1 
ATOM 16  H HB2  . PHE A 1 1  ? 3.875  8.799   -5.696 1.00 0.00 ? 1  PHE A HB2  1 
ATOM 17  H HB3  . PHE A 1 1  ? 2.238  9.421   -5.663 1.00 0.00 ? 1  PHE A HB3  1 
ATOM 18  H HD1  . PHE A 1 1  ? 1.857  11.957  -5.896 1.00 0.00 ? 1  PHE A HD1  1 
ATOM 19  H HD2  . PHE A 1 1  ? 5.587  10.022  -6.868 1.00 0.00 ? 1  PHE A HD2  1 
ATOM 20  H HE1  . PHE A 1 1  ? 2.516  13.911  -7.278 1.00 0.00 ? 1  PHE A HE1  1 
ATOM 21  H HE2  . PHE A 1 1  ? 6.238  11.976  -8.247 1.00 0.00 ? 1  PHE A HE2  1 
ATOM 22  H HZ   . PHE A 1 1  ? 4.705  13.923  -8.455 1.00 0.00 ? 1  PHE A HZ   1 
ATOM 23  N N    . ALA A 1 2  ? 1.844  8.480   -2.730 1.00 0.00 ? 2  ALA A N    1 
ATOM 24  C CA   . ALA A 1 2  ? 1.361  7.310   -2.012 1.00 0.00 ? 2  ALA A CA   1 
ATOM 25  C C    . ALA A 1 2  ? 1.294  6.104   -2.951 1.00 0.00 ? 2  ALA A C    1 
ATOM 26  O O    . ALA A 1 2  ? 0.936  6.242   -4.120 1.00 0.00 ? 2  ALA A O    1 
ATOM 27  C CB   . ALA A 1 2  ? -0.026 7.609   -1.432 1.00 0.00 ? 2  ALA A CB   1 
ATOM 28  H H    . ALA A 1 2  ? 1.186  9.221   -2.917 1.00 0.00 ? 2  ALA A H    1 
ATOM 29  H HA   . ALA A 1 2  ? 2.051  7.092   -1.193 1.00 0.00 ? 2  ALA A HA   1 
ATOM 30  H HB1  . ALA A 1 2  ? 0.030  8.463   -0.754 1.00 0.00 ? 2  ALA A HB1  1 
ATOM 31  H HB2  . ALA A 1 2  ? -0.729 7.840   -2.235 1.00 0.00 ? 2  ALA A HB2  1 
ATOM 32  H HB3  . ALA A 1 2  ? -0.393 6.744   -0.880 1.00 0.00 ? 2  ALA A HB3  1 
ATOM 33  N N    . THR A 1 3  ? 1.640  4.922   -2.427 1.00 0.00 ? 3  THR A N    1 
ATOM 34  C CA   . THR A 1 3  ? 1.621  3.667   -3.165 1.00 0.00 ? 3  THR A CA   1 
ATOM 35  C C    . THR A 1 3  ? 0.185  3.168   -3.337 1.00 0.00 ? 3  THR A C    1 
ATOM 36  O O    . THR A 1 3  ? -0.694 3.487   -2.535 1.00 0.00 ? 3  THR A O    1 
ATOM 37  C CB   . THR A 1 3  ? 2.495  2.626   -2.437 1.00 0.00 ? 3  THR A CB   1 
ATOM 38  O OG1  . THR A 1 3  ? 2.338  2.704   -1.022 1.00 0.00 ? 3  THR A OG1  1 
ATOM 39  C CG2  . THR A 1 3  ? 3.970  2.908   -2.741 1.00 0.00 ? 3  THR A CG2  1 
ATOM 40  H H    . THR A 1 3  ? 1.913  4.877   -1.455 1.00 0.00 ? 3  THR A H    1 
ATOM 41  H HA   . THR A 1 3  ? 2.032  3.835   -4.163 1.00 0.00 ? 3  THR A HA   1 
ATOM 42  H HB   . THR A 1 3  ? 2.288  1.622   -2.822 1.00 0.00 ? 3  THR A HB   1 
ATOM 43  H HG21 . THR A 1 3  ? 4.243  3.907   -2.400 1.00 0.00 ? 3  THR A HG21 1 
ATOM 44  H HG22 . THR A 1 3  ? 4.594  2.175   -2.227 1.00 0.00 ? 3  THR A HG22 1 
ATOM 45  H HG23 . THR A 1 3  ? 4.152  2.832   -3.814 1.00 0.00 ? 3  THR A HG23 1 
ATOM 46  N N    . MET A 1 4  ? -0.026 2.366   -4.388 1.00 0.00 ? 4  MET A N    1 
ATOM 47  C CA   . MET A 1 4  ? -1.255 1.623   -4.641 1.00 0.00 ? 4  MET A CA   1 
ATOM 48  C C    . MET A 1 4  ? -0.915 0.127   -4.638 1.00 0.00 ? 4  MET A C    1 
ATOM 49  O O    . MET A 1 4  ? -1.300 -0.615  -5.540 1.00 0.00 ? 4  MET A O    1 
ATOM 50  C CB   . MET A 1 4  ? -1.863 2.100   -5.971 1.00 0.00 ? 4  MET A CB   1 
ATOM 51  C CG   . MET A 1 4  ? -3.350 1.748   -6.079 1.00 0.00 ? 4  MET A CG   1 
ATOM 52  S SD   . MET A 1 4  ? -4.121 2.297   -7.625 1.00 0.00 ? 4  MET A SD   1 
ATOM 53  C CE   . MET A 1 4  ? -5.810 1.704   -7.344 1.00 0.00 ? 4  MET A CE   1 
ATOM 54  H H    . MET A 1 4  ? 0.751  2.188   -5.006 1.00 0.00 ? 4  MET A H    1 
ATOM 55  H HA   . MET A 1 4  ? -1.980 1.810   -3.848 1.00 0.00 ? 4  MET A HA   1 
ATOM 56  H HB2  . MET A 1 4  ? -1.767 3.185   -6.019 1.00 0.00 ? 4  MET A HB2  1 
ATOM 57  H HB3  . MET A 1 4  ? -1.327 1.673   -6.821 1.00 0.00 ? 4  MET A HB3  1 
ATOM 58  H HG2  . MET A 1 4  ? -3.479 0.669   -6.003 1.00 0.00 ? 4  MET A HG2  1 
ATOM 59  H HG3  . MET A 1 4  ? -3.882 2.216   -5.251 1.00 0.00 ? 4  MET A HG3  1 
ATOM 60  H HE1  . MET A 1 4  ? -6.430 1.959   -8.204 1.00 0.00 ? 4  MET A HE1  1 
ATOM 61  H HE2  . MET A 1 4  ? -6.221 2.175   -6.452 1.00 0.00 ? 4  MET A HE2  1 
ATOM 62  H HE3  . MET A 1 4  ? -5.802 0.622   -7.214 1.00 0.00 ? 4  MET A HE3  1 
ATOM 63  N N    . ARG A 1 5  ? -0.164 -0.305  -3.616 1.00 0.00 ? 5  ARG A N    1 
ATOM 64  C CA   . ARG A 1 5  ? 0.334  -1.658  -3.463 1.00 0.00 ? 5  ARG A CA   1 
ATOM 65  C C    . ARG A 1 5  ? -0.749 -2.566  -2.862 1.00 0.00 ? 5  ARG A C    1 
ATOM 66  O O    . ARG A 1 5  ? -1.826 -2.106  -2.482 1.00 0.00 ? 5  ARG A O    1 
ATOM 67  C CB   . ARG A 1 5  ? 1.573  -1.604  -2.581 1.00 0.00 ? 5  ARG A CB   1 
ATOM 68  C CG   . ARG A 1 5  ? 2.687  -2.601  -2.935 1.00 0.00 ? 5  ARG A CG   1 
ATOM 69  C CD   . ARG A 1 5  ? 3.539  -2.879  -1.698 1.00 0.00 ? 5  ARG A CD   1 
ATOM 70  N NE   . ARG A 1 5  ? 2.776  -3.684  -0.740 1.00 0.00 ? 5  ARG A NE   1 
ATOM 71  C CZ   . ARG A 1 5  ? 3.012  -3.791  0.577  1.00 0.00 ? 5  ARG A CZ   1 
ATOM 72  N NH1  . ARG A 1 5  ? 4.017  -3.125  1.165  1.00 0.00 ? 5  ARG A NH1  1 
ATOM 73  N NH2  . ARG A 1 5  ? 2.222  -4.583  1.314  1.00 0.00 ? 5  ARG A NH2  1 
ATOM 74  H H    . ARG A 1 5  ? 0.130  0.347   -2.903 1.00 0.00 ? 5  ARG A H    1 
ATOM 75  H HA   . ARG A 1 5  ? 0.661  -2.071  -4.402 1.00 0.00 ? 5  ARG A HA   1 
ATOM 76  H HB2  . ARG A 1 5  ? 2.045  -0.632  -2.594 1.00 0.00 ? 5  ARG A HB2  1 
ATOM 77  H HB3  . ARG A 1 5  ? 1.165  -1.733  -1.601 1.00 0.00 ? 5  ARG A HB3  1 
ATOM 78  H HG2  . ARG A 1 5  ? 2.289  -3.542  -3.309 1.00 0.00 ? 5  ARG A HG2  1 
ATOM 79  H HG3  . ARG A 1 5  ? 3.316  -2.161  -3.712 1.00 0.00 ? 5  ARG A HG3  1 
ATOM 80  H HD2  . ARG A 1 5  ? 4.426  -3.440  -1.993 1.00 0.00 ? 5  ARG A HD2  1 
ATOM 81  H HD3  . ARG A 1 5  ? 3.847  -1.931  -1.255 1.00 0.00 ? 5  ARG A HD3  1 
ATOM 82  H HE   . ARG A 1 5  ? 2.002  -4.198  -1.133 1.00 0.00 ? 5  ARG A HE   1 
ATOM 83  H HH11 . ARG A 1 5  ? 4.622  -2.530  0.618  1.00 0.00 ? 5  ARG A HH11 1 
ATOM 84  H HH12 . ARG A 1 5  ? 4.169  -3.217  2.159  1.00 0.00 ? 5  ARG A HH12 1 
ATOM 85  H HH21 . ARG A 1 5  ? 1.463  -5.083  0.871  1.00 0.00 ? 5  ARG A HH21 1 
ATOM 86  H HH22 . ARG A 1 5  ? 2.371  -4.675  2.310  1.00 0.00 ? 5  ARG A HH22 1 
ATOM 87  N N    . TYR A 1 6  ? -0.438 -3.862  -2.784 1.00 0.00 ? 6  TYR A N    1 
ATOM 88  C CA   . TYR A 1 6  ? -1.306 -4.928  -2.314 1.00 0.00 ? 6  TYR A CA   1 
ATOM 89  C C    . TYR A 1 6  ? -0.836 -5.422  -0.940 1.00 0.00 ? 6  TYR A C    1 
ATOM 90  O O    . TYR A 1 6  ? 0.356  -5.682  -0.781 1.00 0.00 ? 6  TYR A O    1 
ATOM 91  C CB   . TYR A 1 6  ? -1.238 -6.077  -3.321 1.00 0.00 ? 6  TYR A CB   1 
ATOM 92  C CG   . TYR A 1 6  ? -2.086 -7.278  -2.943 1.00 0.00 ? 6  TYR A CG   1 
ATOM 93  C CD1  . TYR A 1 6  ? -3.470 -7.270  -3.191 1.00 0.00 ? 6  TYR A CD1  1 
ATOM 94  C CD2  . TYR A 1 6  ? -1.505 -8.362  -2.257 1.00 0.00 ? 6  TYR A CD2  1 
ATOM 95  C CE1  . TYR A 1 6  ? -4.269 -8.345  -2.761 1.00 0.00 ? 6  TYR A CE1  1 
ATOM 96  C CE2  . TYR A 1 6  ? -2.304 -9.435  -1.825 1.00 0.00 ? 6  TYR A CE2  1 
ATOM 97  C CZ   . TYR A 1 6  ? -3.687 -9.425  -2.075 1.00 0.00 ? 6  TYR A CZ   1 
ATOM 98  O OH   . TYR A 1 6  ? -4.467 -10.463 -1.653 1.00 0.00 ? 6  TYR A OH   1 
ATOM 99  H H    . TYR A 1 6  ? 0.465  -4.139  -3.127 1.00 0.00 ? 6  TYR A H    1 
ATOM 100 H HA   . TYR A 1 6  ? -2.333 -4.574  -2.295 1.00 0.00 ? 6  TYR A HA   1 
ATOM 101 H HB2  . TYR A 1 6  ? -1.549 -5.693  -4.292 1.00 0.00 ? 6  TYR A HB2  1 
ATOM 102 H HB3  . TYR A 1 6  ? -0.200 -6.396  -3.418 1.00 0.00 ? 6  TYR A HB3  1 
ATOM 103 H HD1  . TYR A 1 6  ? -3.926 -6.434  -3.701 1.00 0.00 ? 6  TYR A HD1  1 
ATOM 104 H HD2  . TYR A 1 6  ? -0.446 -8.369  -2.047 1.00 0.00 ? 6  TYR A HD2  1 
ATOM 105 H HE1  . TYR A 1 6  ? -5.332 -8.339  -2.954 1.00 0.00 ? 6  TYR A HE1  1 
ATOM 106 H HE2  . TYR A 1 6  ? -1.853 -10.265 -1.300 1.00 0.00 ? 6  TYR A HE2  1 
ATOM 107 H HH   . TYR A 1 6  ? -3.973 -11.148 -1.196 1.00 0.00 ? 6  TYR A HH   1 
ATOM 108 N N    . PRO A 1 7  ? -1.738 -5.608  0.042  1.00 0.00 ? 7  PRO A N    1 
ATOM 109 C CA   . PRO A 1 7  ? -3.136 -5.180  0.044  1.00 0.00 ? 7  PRO A CA   1 
ATOM 110 C C    . PRO A 1 7  ? -3.256 -3.656  0.060  1.00 0.00 ? 7  PRO A C    1 
ATOM 111 O O    . PRO A 1 7  ? -4.126 -3.071  -0.582 1.00 0.00 ? 7  PRO A O    1 
ATOM 112 C CB   . PRO A 1 7  ? -3.746 -5.784  1.310  1.00 0.00 ? 7  PRO A CB   1 
ATOM 113 C CG   . PRO A 1 7  ? -2.559 -5.971  2.252  1.00 0.00 ? 7  PRO A CG   1 
ATOM 114 C CD   . PRO A 1 7  ? -1.389 -6.234  1.310  1.00 0.00 ? 7  PRO A CD   1 
ATOM 115 H HA   . PRO A 1 7  ? -3.665 -5.559  -0.820 1.00 0.00 ? 7  PRO A HA   1 
ATOM 116 H HB2  . PRO A 1 7  ? -4.489 -5.122  1.751  1.00 0.00 ? 7  PRO A HB2  1 
ATOM 117 H HB3  . PRO A 1 7  ? -4.183 -6.756  1.077  1.00 0.00 ? 7  PRO A HB3  1 
ATOM 118 H HG2  . PRO A 1 7  ? -2.382 -5.047  2.804  1.00 0.00 ? 7  PRO A HG2  1 
ATOM 119 H HG3  . PRO A 1 7  ? -2.718 -6.798  2.946  1.00 0.00 ? 7  PRO A HG3  1 
ATOM 120 H HD2  . PRO A 1 7  ? -0.475 -5.822  1.743  1.00 0.00 ? 7  PRO A HD2  1 
ATOM 121 H HD3  . PRO A 1 7  ? -1.278 -7.308  1.154  1.00 0.00 ? 7  PRO A HD3  1 
ATOM 122 N N    . SER A 1 8  ? -2.343 -3.049  0.810  1.00 0.00 ? 8  SER A N    1 
ATOM 123 C CA   . SER A 1 8  ? -2.112 -1.620  0.960  1.00 0.00 ? 8  SER A CA   1 
ATOM 124 C C    . SER A 1 8  ? -0.607 -1.453  1.207  1.00 0.00 ? 8  SER A C    1 
ATOM 125 O O    . SER A 1 8  ? 0.096  -2.443  1.416  1.00 0.00 ? 8  SER A O    1 
ATOM 126 C CB   . SER A 1 8  ? -2.954 -1.114  2.140  1.00 0.00 ? 8  SER A CB   1 
ATOM 127 O OG   . SER A 1 8  ? -2.442 -1.829  3.247  1.00 0.00 ? 8  SER A OG   1 
ATOM 128 H H    . SER A 1 8  ? -1.666 -3.676  1.216  1.00 0.00 ? 8  SER A H    1 
ATOM 129 H HA   . SER A 1 8  ? -2.380 -1.111  0.032  1.00 0.00 ? 8  SER A HA   1 
ATOM 130 H HB2  . SER A 1 8  ? -2.822 -0.050  2.343  1.00 0.00 ? 8  SER A HB2  1 
ATOM 131 H HB3  . SER A 1 8  ? -4.005 -1.370  1.988  1.00 0.00 ? 8  SER A HB3  1 
ATOM 132 N N    . ASP A 1 9  ? -0.097 -0.217  1.186  1.00 0.00 ? 9  ASP A N    1 
ATOM 133 C CA   . ASP A 1 9  ? 1.330  0.036   1.326  1.00 0.00 ? 9  ASP A CA   1 
ATOM 134 C C    . ASP A 1 9  ? 1.861  -0.325  2.714  1.00 0.00 ? 9  ASP A C    1 
ATOM 135 O O    . ASP A 1 9  ? 3.035  -0.669  2.839  1.00 0.00 ? 9  ASP A O    1 
ATOM 136 C CB   . ASP A 1 9  ? 1.624  1.502   0.981  1.00 0.00 ? 9  ASP A CB   1 
ATOM 137 C CG   . ASP A 1 9  ? 1.444  1.799   -0.510 1.00 0.00 ? 9  ASP A CG   1 
ATOM 138 O OD1  . ASP A 1 9  ? 0.550  1.227   -1.134 1.00 0.00 ? 9  ASP A OD1  1 
ATOM 139 H H    . ASP A 1 9  ? -0.679 0.579   0.976  1.00 0.00 ? 9  ASP A H    1 
ATOM 140 H HA   . ASP A 1 9  ? 1.857  -0.606  0.634  1.00 0.00 ? 9  ASP A HA   1 
ATOM 141 H HB2  . ASP A 1 9  ? 0.977  2.159   1.564  1.00 0.00 ? 9  ASP A HB2  1 
ATOM 142 H HB3  . ASP A 1 9  ? 2.661  1.716   1.246  1.00 0.00 ? 9  ASP A HB3  1 
ATOM 143 N N    . SER A 1 10 ? 1.010  -0.245  3.744  1.00 0.00 ? 10 SER A N    1 
ATOM 144 C CA   . SER A 1 10 ? 1.419  -0.455  5.133  1.00 0.00 ? 10 SER A CA   1 
ATOM 145 C C    . SER A 1 10 ? 0.329  -1.074  6.022  1.00 0.00 ? 10 SER A C    1 
ATOM 146 O O    . SER A 1 10 ? 0.383  -0.902  7.239  1.00 0.00 ? 10 SER A O    1 
ATOM 147 C CB   . SER A 1 10 ? 1.890  0.888   5.717  1.00 0.00 ? 10 SER A CB   1 
ATOM 148 O OG   . SER A 1 10 ? 2.935  1.444   4.949  1.00 0.00 ? 10 SER A OG   1 
ATOM 149 H H    . SER A 1 10 ? 0.071  0.045   3.527  1.00 0.00 ? 10 SER A H    1 
ATOM 150 H HA   . SER A 1 10 ? 2.248  -1.162  5.160  1.00 0.00 ? 10 SER A HA   1 
ATOM 151 H HB2  . SER A 1 10 ? 1.057  1.592   5.741  1.00 0.00 ? 10 SER A HB2  1 
ATOM 152 H HB3  . SER A 1 10 ? 2.264  0.744   6.731  1.00 0.00 ? 10 SER A HB3  1 
ATOM 153 H HG   . SER A 1 10 ? 3.645  0.800   4.888  1.00 0.00 ? 10 SER A HG   1 
ATOM 154 N N    . ASP A 1 11 ? -0.624 -1.833  5.461  1.00 0.00 ? 11 ASP A N    1 
ATOM 155 C CA   . ASP A 1 11 ? -1.600 -2.592  6.226  1.00 0.00 ? 11 ASP A CA   1 
ATOM 156 C C    . ASP A 1 11 ? -0.989 -3.939  6.628  1.00 0.00 ? 11 ASP A C    1 
ATOM 157 O O    . ASP A 1 11 ? -0.783 -4.188  7.816  1.00 0.00 ? 11 ASP A O    1 
ATOM 158 C CB   . ASP A 1 11 ? -2.884 -2.781  5.406  1.00 0.00 ? 11 ASP A CB   1 
ATOM 159 C CG   . ASP A 1 11 ? -3.175 -1.686  4.389  1.00 0.00 ? 11 ASP A CG   1 
ATOM 160 O OD1  . ASP A 1 11 ? -4.004 -0.811  4.636  1.00 0.00 ? 11 ASP A OD1  1 
ATOM 161 H H    . ASP A 1 11 ? -0.704 -1.930  4.464  1.00 0.00 ? 11 ASP A H    1 
ATOM 162 H HA   . ASP A 1 11 ? -1.846 -2.026  7.126  1.00 0.00 ? 11 ASP A HA   1 
ATOM 163 H HB2  . ASP A 1 11 ? -2.869 -3.732  4.873  1.00 0.00 ? 11 ASP A HB2  1 
ATOM 164 H HB3  . ASP A 1 11 ? -3.686 -2.877  6.114  1.00 0.00 ? 11 ASP A HB3  1 
ATOM 165 N N    . GLU A 1 12 ? -0.695 -4.802  5.642  1.00 0.00 ? 12 GLU A N    1 
ATOM 166 C CA   . GLU A 1 12 ? -0.084 -6.108  5.831  1.00 0.00 ? 12 GLU A CA   1 
ATOM 167 C C    . GLU A 1 12 ? 0.782  -6.442  4.611  1.00 0.00 ? 12 GLU A C    1 
ATOM 168 O O    . GLU A 1 12 ? 1.126  -5.544  3.846  1.00 0.00 ? 12 GLU A O    1 
ATOM 169 C CB   . GLU A 1 12 ? -1.201 -7.156  6.053  1.00 0.00 ? 12 GLU A CB   1 
ATOM 170 C CG   . GLU A 1 12 ? -0.767 -8.209  7.077  1.00 0.00 ? 12 GLU A CG   1 
ATOM 171 C CD   . GLU A 1 12 ? -1.834 -9.288  7.249  1.00 0.00 ? 12 GLU A CD   1 
ATOM 172 O OE1  . GLU A 1 12 ? -1.634 -10.413 6.794  1.00 0.00 ? 12 GLU A OE1  1 
ATOM 173 O OE2  . GLU A 1 12 ? -2.963 -8.912  7.918  1.00 0.00 ? 12 GLU A OE2  1 
ATOM 174 H H    . GLU A 1 12 ? -0.919 -4.562  4.687  1.00 0.00 ? 12 GLU A H    1 
ATOM 175 H HA   . GLU A 1 12 ? 0.613  -6.064  6.675  1.00 0.00 ? 12 GLU A HA   1 
ATOM 176 H HB2  . GLU A 1 12 ? -2.140 -6.699  6.393  1.00 0.00 ? 12 GLU A HB2  1 
ATOM 177 H HB3  . GLU A 1 12 ? -1.425 -7.649  5.107  1.00 0.00 ? 12 GLU A HB3  1 
ATOM 178 H HG2  . GLU A 1 12 ? 0.163  -8.676  6.753  1.00 0.00 ? 12 GLU A HG2  1 
ATOM 179 H HG3  . GLU A 1 12 ? -0.595 -7.727  8.040  1.00 0.00 ? 12 GLU A HG3  1 
ATOM 180 H HE2  . GLU A 1 12 ? -2.946 -7.995  8.201  1.00 0.00 ? 12 GLU A HE2  1 
# 
